data_1QY4
#
_entry.id   1QY4
#
_cell.length_a   36.0
_cell.length_b   39.7
_cell.length_c   74.7
_cell.angle_alpha   73.7
_cell.angle_beta   78.5
_cell.angle_gamma   72.6
#
_symmetry.space_group_name_H-M   'P 1'
#
loop_
_entity.id
_entity.type
_entity.pdbx_description
1 polymer 'Glucose-6-phosphate isomerase'
2 non-polymer '6-PHOSPHOGLUCONIC ACID'
3 non-polymer 'NICKEL (II) ION'
4 water water
#
_entity_poly.entity_id   1
_entity_poly.type   'polypeptide(L)'
_entity_poly.pdbx_seq_one_letter_code
;MYKEPFGVKVDFETGIIEGAKKSVRRLSDMEGYFVDERAWKELVEKEDPVVYEVYAVEQEEKEGDLNFATTVLYPGKVGK
EFFFTKGHFHAKLDRAEVYVALKGKGGMLLQTPEGDAKWISMEPGTVVYVPPYWAHRTVNIGDEPFIFLAIYPADAGHDY
GTIAEKGFSKIVIEENGEVKVVDNPRWKK
;
_entity_poly.pdbx_strand_id   A,B
#
loop_
_chem_comp.id
_chem_comp.type
_chem_comp.name
_chem_comp.formula
6PG D-saccharide '6-PHOSPHOGLUCONIC ACID' 'C6 H13 O10 P'
NI non-polymer 'NICKEL (II) ION' 'Ni 2'
#
# COMPACT_ATOMS: atom_id res chain seq x y z
N MET A 1 25.11 -4.02 5.57
CA MET A 1 24.33 -5.22 6.03
C MET A 1 22.85 -5.06 5.68
N TYR A 2 22.21 -6.17 5.34
CA TYR A 2 20.79 -6.16 4.99
C TYR A 2 19.87 -5.92 6.16
N LYS A 3 18.74 -5.27 5.91
CA LYS A 3 17.75 -5.00 6.94
C LYS A 3 16.84 -6.22 6.98
N GLU A 4 16.23 -6.48 8.13
CA GLU A 4 15.40 -7.64 8.34
C GLU A 4 14.02 -7.38 7.75
N PRO A 5 13.55 -8.28 6.92
CA PRO A 5 12.17 -8.16 6.45
C PRO A 5 11.29 -8.40 7.69
N PHE A 6 10.10 -7.84 7.71
CA PHE A 6 9.17 -8.08 8.80
C PHE A 6 7.75 -7.94 8.33
N GLY A 7 6.85 -8.54 9.11
CA GLY A 7 5.44 -8.35 8.88
C GLY A 7 4.86 -7.79 10.17
N VAL A 8 3.97 -6.83 10.01
CA VAL A 8 3.21 -6.22 11.09
C VAL A 8 1.70 -6.32 10.83
N LYS A 9 0.92 -6.50 11.89
CA LYS A 9 -0.52 -6.56 11.73
C LYS A 9 -1.11 -5.14 11.68
N VAL A 10 -2.00 -4.90 10.73
CA VAL A 10 -2.72 -3.67 10.64
C VAL A 10 -4.18 -4.02 10.86
N ASP A 11 -4.79 -3.43 11.88
CA ASP A 11 -6.22 -3.63 12.13
C ASP A 11 -7.06 -2.65 11.28
N PHE A 12 -7.77 -3.17 10.29
CA PHE A 12 -8.55 -2.36 9.33
C PHE A 12 -9.73 -1.61 9.94
N GLU A 13 -10.05 -1.94 11.18
CA GLU A 13 -11.18 -1.34 11.87
C GLU A 13 -10.72 -0.16 12.72
N THR A 14 -9.49 -0.24 13.22
CA THR A 14 -8.96 0.82 14.08
C THR A 14 -7.82 1.61 13.46
N GLY A 15 -7.22 1.07 12.40
CA GLY A 15 -6.08 1.70 11.77
C GLY A 15 -4.81 1.50 12.58
N ILE A 16 -4.89 0.70 13.63
CA ILE A 16 -3.69 0.55 14.46
C ILE A 16 -2.64 -0.41 13.83
N ILE A 17 -1.38 0.03 13.81
CA ILE A 17 -0.27 -0.81 13.33
C ILE A 17 0.69 -1.24 14.45
N GLU A 18 0.92 -2.55 14.54
CA GLU A 18 1.91 -3.08 15.45
C GLU A 18 3.25 -2.46 15.24
N GLY A 19 3.90 -2.10 16.33
CA GLY A 19 5.24 -1.56 16.27
C GLY A 19 5.43 -0.21 15.58
N ALA A 20 4.34 0.45 15.21
CA ALA A 20 4.42 1.76 14.58
C ALA A 20 4.62 2.88 15.59
N LYS A 21 5.13 4.01 15.10
CA LYS A 21 5.30 5.19 15.91
C LYS A 21 4.08 6.07 15.72
N LYS A 22 3.42 6.37 16.84
CA LYS A 22 2.22 7.19 16.88
C LYS A 22 2.42 8.72 16.89
N SER A 23 1.61 9.41 16.11
CA SER A 23 1.53 10.88 16.12
C SER A 23 0.07 11.32 16.28
N VAL A 24 -0.17 12.20 17.24
CA VAL A 24 -1.52 12.69 17.49
C VAL A 24 -1.66 14.17 17.18
N ARG A 25 -2.70 14.51 16.43
CA ARG A 25 -2.92 15.91 16.11
C ARG A 25 -4.27 16.35 16.63
N ARG A 26 -4.26 17.25 17.63
CA ARG A 26 -5.48 17.86 18.13
C ARG A 26 -5.82 19.12 17.33
N LEU A 27 -7.04 19.62 17.47
CA LEU A 27 -7.40 20.85 16.78
C LEU A 27 -6.43 21.98 17.15
N SER A 28 -5.94 22.00 18.40
CA SER A 28 -5.01 23.05 18.79
C SER A 28 -3.76 23.08 17.95
N ASP A 29 -3.37 21.91 17.44
CA ASP A 29 -2.20 21.81 16.60
C ASP A 29 -2.41 22.33 15.18
N MET A 30 -3.55 22.91 14.89
CA MET A 30 -3.82 23.32 13.51
C MET A 30 -4.30 24.78 13.39
N GLU A 31 -3.65 25.70 14.08
CA GLU A 31 -4.03 27.12 13.99
C GLU A 31 -3.66 27.62 12.61
N GLY A 32 -4.58 28.36 11.99
CA GLY A 32 -4.36 28.92 10.69
C GLY A 32 -4.77 28.01 9.55
N TYR A 33 -5.37 26.88 9.89
CA TYR A 33 -5.73 25.88 8.88
C TYR A 33 -7.18 25.96 8.42
N PHE A 34 -8.07 26.37 9.32
CA PHE A 34 -9.48 26.42 8.99
C PHE A 34 -9.95 27.84 8.66
N VAL A 35 -10.97 27.94 7.82
CA VAL A 35 -11.49 29.24 7.42
C VAL A 35 -12.17 29.99 8.55
N ASP A 36 -13.03 29.30 9.28
CA ASP A 36 -13.77 29.94 10.36
C ASP A 36 -12.95 29.94 11.63
N GLU A 37 -12.06 30.92 11.75
CA GLU A 37 -11.18 31.04 12.93
C GLU A 37 -12.02 31.10 14.21
N ARG A 38 -13.19 31.75 14.15
CA ARG A 38 -14.04 31.87 15.32
C ARG A 38 -14.54 30.50 15.76
N ALA A 39 -14.96 29.71 14.79
CA ALA A 39 -15.45 28.39 15.13
C ALA A 39 -14.30 27.52 15.68
N TRP A 40 -13.10 27.74 15.12
CA TRP A 40 -11.90 27.03 15.54
C TRP A 40 -11.49 27.33 16.97
N LYS A 41 -11.42 28.62 17.30
CA LYS A 41 -11.09 29.04 18.66
C LYS A 41 -12.19 28.52 19.58
N GLU A 42 -13.44 28.56 19.15
CA GLU A 42 -14.49 28.07 20.02
C GLU A 42 -14.21 26.62 20.37
N LEU A 43 -14.10 25.77 19.35
CA LEU A 43 -13.89 24.33 19.53
C LEU A 43 -12.61 23.95 20.28
N VAL A 44 -11.53 24.67 20.03
CA VAL A 44 -10.28 24.40 20.73
C VAL A 44 -10.41 24.69 22.24
N GLU A 45 -10.89 25.89 22.56
CA GLU A 45 -11.09 26.36 23.94
C GLU A 45 -12.03 25.42 24.68
N LYS A 46 -13.10 25.03 24.00
CA LYS A 46 -14.12 24.09 24.50
C LYS A 46 -13.62 22.68 24.82
N GLU A 47 -13.22 21.92 23.79
CA GLU A 47 -12.75 20.54 23.99
C GLU A 47 -11.44 20.10 23.31
N ASP A 48 -10.91 20.90 22.39
CA ASP A 48 -9.65 20.57 21.67
C ASP A 48 -9.62 19.12 21.19
N PRO A 49 -10.43 18.79 20.20
CA PRO A 49 -10.50 17.41 19.75
C PRO A 49 -9.30 16.99 18.95
N VAL A 50 -9.01 15.71 19.06
CA VAL A 50 -8.03 15.06 18.21
C VAL A 50 -8.66 15.08 16.82
N VAL A 51 -7.96 15.63 15.84
CA VAL A 51 -8.49 15.66 14.48
C VAL A 51 -8.03 14.39 13.78
N TYR A 52 -6.79 13.98 14.05
CA TYR A 52 -6.29 12.71 13.54
C TYR A 52 -5.10 12.12 14.25
N GLU A 53 -4.92 10.82 14.06
CA GLU A 53 -3.79 10.05 14.58
C GLU A 53 -3.11 9.36 13.41
N VAL A 54 -1.80 9.25 13.48
CA VAL A 54 -1.03 8.57 12.44
C VAL A 54 -0.17 7.48 13.05
N TYR A 55 -0.22 6.29 12.46
CA TYR A 55 0.66 5.19 12.85
C TYR A 55 1.68 4.93 11.76
N ALA A 56 2.91 5.33 12.04
CA ALA A 56 3.92 5.29 11.00
C ALA A 56 5.01 4.25 11.21
N VAL A 57 5.34 3.53 10.16
CA VAL A 57 6.47 2.63 10.18
C VAL A 57 7.38 3.23 9.15
N GLU A 58 8.46 3.88 9.58
CA GLU A 58 9.32 4.61 8.64
C GLU A 58 10.73 4.06 8.59
N GLN A 59 11.36 4.24 7.42
CA GLN A 59 12.75 3.83 7.21
C GLN A 59 13.69 5.06 7.15
N GLU A 60 14.97 4.83 7.15
CA GLU A 60 15.89 5.95 6.97
C GLU A 60 15.63 6.51 5.60
N GLU A 61 15.65 7.84 5.48
CA GLU A 61 15.41 8.53 4.23
C GLU A 61 16.47 8.14 3.21
N LYS A 62 16.11 7.27 2.28
CA LYS A 62 17.03 6.70 1.31
C LYS A 62 16.27 6.39 0.04
N GLU A 63 16.84 6.73 -1.11
CA GLU A 63 16.15 6.45 -2.36
C GLU A 63 15.74 4.99 -2.50
N GLY A 64 14.54 4.78 -3.00
CA GLY A 64 14.14 3.45 -3.35
C GLY A 64 13.49 2.70 -2.20
N ASP A 65 13.64 3.18 -0.96
CA ASP A 65 13.04 2.52 0.19
C ASP A 65 11.60 3.08 0.39
N LEU A 66 10.79 2.42 1.21
CA LEU A 66 9.41 2.82 1.40
C LEU A 66 8.97 2.90 2.86
N ASN A 67 8.13 3.86 3.14
CA ASN A 67 7.51 4.05 4.44
C ASN A 67 6.04 3.71 4.24
N PHE A 68 5.37 3.36 5.32
CA PHE A 68 3.94 3.27 5.25
C PHE A 68 3.33 3.74 6.56
N ALA A 69 2.07 4.16 6.51
CA ALA A 69 1.37 4.75 7.65
C ALA A 69 -0.13 4.70 7.53
N THR A 70 -0.82 4.42 8.62
CA THR A 70 -2.24 4.60 8.59
C THR A 70 -2.50 5.92 9.28
N THR A 71 -3.62 6.50 8.89
CA THR A 71 -4.16 7.70 9.51
C THR A 71 -5.59 7.37 9.90
N VAL A 72 -5.97 7.73 11.11
CA VAL A 72 -7.37 7.71 11.50
C VAL A 72 -7.74 9.17 11.60
N LEU A 73 -8.59 9.63 10.68
CA LEU A 73 -9.07 11.01 10.60
C LEU A 73 -10.47 11.04 11.25
N TYR A 74 -10.60 11.76 12.37
CA TYR A 74 -11.87 11.80 13.09
C TYR A 74 -12.99 12.62 12.42
N PRO A 75 -14.26 12.25 12.59
CA PRO A 75 -15.36 13.04 12.04
C PRO A 75 -15.49 14.36 12.82
N GLY A 76 -15.89 15.43 12.14
CA GLY A 76 -16.12 16.71 12.76
C GLY A 76 -16.15 17.83 11.75
N LYS A 77 -16.56 19.02 12.20
CA LYS A 77 -16.50 20.22 11.37
C LYS A 77 -15.96 21.38 12.17
N VAL A 78 -15.32 22.31 11.47
CA VAL A 78 -14.96 23.59 12.05
C VAL A 78 -15.82 24.55 11.25
N GLY A 79 -16.97 24.90 11.83
CA GLY A 79 -17.96 25.73 11.16
C GLY A 79 -18.65 24.90 10.07
N LYS A 80 -18.38 25.23 8.81
CA LYS A 80 -18.93 24.44 7.72
C LYS A 80 -17.86 23.49 7.19
N GLU A 81 -16.63 23.63 7.67
CA GLU A 81 -15.50 22.83 7.15
C GLU A 81 -15.22 21.51 7.85
N PHE A 82 -15.31 20.42 7.09
CA PHE A 82 -15.00 19.07 7.58
C PHE A 82 -13.56 18.95 8.06
N PHE A 83 -13.38 18.15 9.10
CA PHE A 83 -12.08 17.79 9.62
C PHE A 83 -11.19 17.25 8.49
N PHE A 84 -9.93 17.65 8.50
CA PHE A 84 -8.95 17.27 7.50
C PHE A 84 -7.54 17.16 8.08
N THR A 85 -6.65 16.53 7.34
CA THR A 85 -5.23 16.49 7.75
C THR A 85 -4.61 17.80 7.30
N LYS A 86 -3.47 18.16 7.88
CA LYS A 86 -2.84 19.43 7.54
C LYS A 86 -2.55 19.56 6.03
N GLY A 87 -2.10 18.47 5.42
CA GLY A 87 -1.78 18.42 4.00
C GLY A 87 -0.35 18.91 3.76
N HIS A 88 0.32 18.37 2.74
CA HIS A 88 1.67 18.82 2.41
C HIS A 88 2.00 18.52 0.99
N PHE A 89 3.08 19.12 0.52
CA PHE A 89 3.73 18.69 -0.69
C PHE A 89 4.86 17.78 -0.21
N HIS A 90 5.49 17.04 -1.10
CA HIS A 90 6.65 16.29 -0.67
C HIS A 90 7.83 17.28 -0.66
N ALA A 91 8.86 16.95 0.09
CA ALA A 91 10.09 17.73 0.11
C ALA A 91 10.79 17.45 -1.20
N LYS A 92 10.78 16.17 -1.59
CA LYS A 92 11.24 15.77 -2.90
C LYS A 92 9.95 15.72 -3.69
N LEU A 93 9.64 16.87 -4.27
CA LEU A 93 8.37 17.08 -4.96
C LEU A 93 7.94 15.94 -5.85
N ASP A 94 8.87 15.31 -6.58
CA ASP A 94 8.45 14.33 -7.57
C ASP A 94 8.18 12.93 -6.98
N ARG A 95 8.06 12.83 -5.65
CA ARG A 95 7.72 11.53 -5.07
C ARG A 95 6.20 11.32 -5.15
N ALA A 96 5.76 10.11 -5.50
CA ALA A 96 4.33 9.77 -5.53
C ALA A 96 3.93 9.09 -4.22
N GLU A 97 2.63 8.87 -4.05
CA GLU A 97 2.11 8.13 -2.88
C GLU A 97 0.90 7.30 -3.31
N VAL A 98 0.63 6.25 -2.59
CA VAL A 98 -0.55 5.45 -2.91
C VAL A 98 -1.27 5.40 -1.59
N TYR A 99 -2.57 5.58 -1.64
CA TYR A 99 -3.40 5.55 -0.44
C TYR A 99 -4.36 4.39 -0.62
N VAL A 100 -4.70 3.73 0.50
CA VAL A 100 -5.73 2.71 0.40
C VAL A 100 -6.72 3.02 1.48
N ALA A 101 -7.98 3.23 1.09
CA ALA A 101 -9.00 3.60 2.05
C ALA A 101 -9.47 2.32 2.71
N LEU A 102 -9.64 2.35 4.02
CA LEU A 102 -9.93 1.11 4.74
C LEU A 102 -11.29 1.20 5.38
N LYS A 103 -11.63 2.41 5.79
CA LYS A 103 -12.86 2.62 6.53
C LYS A 103 -13.39 4.04 6.50
N GLY A 104 -14.72 4.15 6.52
CA GLY A 104 -15.41 5.41 6.62
C GLY A 104 -15.61 6.05 5.26
N LYS A 105 -16.03 7.30 5.30
CA LYS A 105 -16.43 8.09 4.15
C LYS A 105 -15.53 9.31 4.05
N GLY A 106 -14.84 9.48 2.94
CA GLY A 106 -13.94 10.58 2.87
C GLY A 106 -13.54 10.99 1.48
N GLY A 107 -12.46 11.75 1.40
CA GLY A 107 -11.93 12.11 0.11
C GLY A 107 -10.59 12.79 0.26
N MET A 108 -9.92 12.93 -0.87
CA MET A 108 -8.65 13.62 -0.90
C MET A 108 -8.76 14.84 -1.81
N LEU A 109 -8.15 15.92 -1.33
CA LEU A 109 -8.04 17.18 -2.01
C LEU A 109 -6.62 17.19 -2.48
N LEU A 110 -6.39 17.41 -3.77
CA LEU A 110 -5.04 17.50 -4.27
C LEU A 110 -4.91 18.84 -4.97
N GLN A 111 -3.68 19.34 -5.04
CA GLN A 111 -3.46 20.55 -5.83
C GLN A 111 -2.01 20.60 -6.26
N THR A 112 -1.77 21.22 -7.41
CA THR A 112 -0.40 21.34 -7.93
C THR A 112 0.26 22.57 -7.32
N PRO A 113 1.55 22.74 -7.54
CA PRO A 113 2.25 23.96 -7.09
C PRO A 113 1.52 25.22 -7.54
N GLU A 114 0.84 25.16 -8.67
CA GLU A 114 0.10 26.32 -9.20
C GLU A 114 -1.31 26.45 -8.64
N GLY A 115 -1.72 25.49 -7.82
CA GLY A 115 -2.98 25.58 -7.13
C GLY A 115 -4.20 25.06 -7.85
N ASP A 116 -3.99 24.37 -8.96
CA ASP A 116 -5.12 23.72 -9.60
C ASP A 116 -5.51 22.53 -8.72
N ALA A 117 -6.78 22.43 -8.39
CA ALA A 117 -7.22 21.45 -7.43
C ALA A 117 -7.98 20.29 -8.05
N LYS A 118 -7.89 19.12 -7.40
CA LYS A 118 -8.70 17.97 -7.77
C LYS A 118 -9.23 17.39 -6.48
N TRP A 119 -10.39 16.76 -6.58
CA TRP A 119 -11.00 16.08 -5.44
C TRP A 119 -11.29 14.65 -5.88
N ILE A 120 -10.90 13.70 -5.04
CA ILE A 120 -11.12 12.30 -5.31
C ILE A 120 -11.81 11.71 -4.11
N SER A 121 -13.04 11.23 -4.31
CA SER A 121 -13.77 10.65 -3.21
C SER A 121 -13.19 9.28 -2.83
N MET A 122 -13.29 8.94 -1.56
CA MET A 122 -12.72 7.71 -1.05
C MET A 122 -13.72 7.02 -0.12
N GLU A 123 -13.92 5.75 -0.39
CA GLU A 123 -14.69 4.82 0.41
C GLU A 123 -13.82 3.58 0.53
N PRO A 124 -14.14 2.69 1.47
CA PRO A 124 -13.28 1.54 1.71
C PRO A 124 -13.04 0.83 0.39
N GLY A 125 -11.78 0.52 0.14
CA GLY A 125 -11.42 -0.19 -1.06
C GLY A 125 -10.84 0.73 -2.11
N THR A 126 -11.20 2.01 -2.05
CA THR A 126 -10.62 2.97 -2.99
C THR A 126 -9.11 3.04 -2.77
N VAL A 127 -8.37 2.95 -3.87
CA VAL A 127 -6.95 3.17 -3.83
C VAL A 127 -6.75 4.47 -4.63
N VAL A 128 -6.00 5.40 -4.08
CA VAL A 128 -5.76 6.66 -4.77
C VAL A 128 -4.28 6.75 -5.07
N TYR A 129 -4.01 7.12 -6.32
CA TYR A 129 -2.69 7.37 -6.82
C TYR A 129 -2.41 8.87 -6.72
N VAL A 130 -1.44 9.25 -5.88
CA VAL A 130 -1.13 10.64 -5.71
C VAL A 130 0.09 10.83 -6.62
N PRO A 131 -0.04 11.53 -7.73
CA PRO A 131 1.10 11.61 -8.64
C PRO A 131 2.22 12.49 -8.12
N PRO A 132 3.40 12.40 -8.72
CA PRO A 132 4.48 13.35 -8.40
C PRO A 132 3.94 14.77 -8.49
N TYR A 133 4.45 15.64 -7.62
CA TYR A 133 4.13 17.07 -7.60
C TYR A 133 2.80 17.52 -7.06
N TRP A 134 1.96 16.60 -6.57
CA TRP A 134 0.69 17.06 -6.04
C TRP A 134 0.66 17.06 -4.49
N ALA A 135 0.25 18.18 -3.92
CA ALA A 135 0.07 18.29 -2.48
C ALA A 135 -1.23 17.58 -2.23
N HIS A 136 -1.40 17.06 -1.02
CA HIS A 136 -2.61 16.31 -0.76
C HIS A 136 -3.04 16.42 0.70
N ARG A 137 -4.35 16.41 0.89
CA ARG A 137 -4.97 16.53 2.18
C ARG A 137 -6.16 15.60 2.12
N THR A 138 -6.45 14.88 3.19
CA THR A 138 -7.68 14.06 3.19
C THR A 138 -8.69 14.71 4.08
N VAL A 139 -9.96 14.39 3.86
CA VAL A 139 -11.03 15.08 4.50
C VAL A 139 -12.04 14.02 4.81
N ASN A 140 -12.59 14.10 6.00
CA ASN A 140 -13.58 13.14 6.47
C ASN A 140 -14.94 13.80 6.27
N ILE A 141 -15.72 13.28 5.33
CA ILE A 141 -16.99 13.90 5.03
C ILE A 141 -18.14 13.12 5.64
N GLY A 142 -17.84 12.21 6.56
CA GLY A 142 -18.90 11.41 7.17
C GLY A 142 -18.99 11.53 8.68
N ASP A 143 -19.67 10.55 9.27
CA ASP A 143 -19.99 10.61 10.70
C ASP A 143 -19.10 9.71 11.55
N GLU A 144 -18.26 8.91 10.90
CA GLU A 144 -17.35 8.01 11.61
C GLU A 144 -15.91 8.27 11.18
N PRO A 145 -14.97 7.62 11.85
CA PRO A 145 -13.58 7.79 11.47
C PRO A 145 -13.30 7.34 10.02
N PHE A 146 -12.41 8.09 9.38
CA PHE A 146 -12.01 7.83 8.01
C PHE A 146 -10.59 7.30 8.18
N ILE A 147 -10.38 6.06 7.78
CA ILE A 147 -9.14 5.38 8.04
C ILE A 147 -8.58 4.92 6.72
N PHE A 148 -7.31 5.21 6.52
CA PHE A 148 -6.63 4.80 5.31
C PHE A 148 -5.18 4.42 5.58
N LEU A 149 -4.58 3.73 4.64
CA LEU A 149 -3.17 3.38 4.71
C LEU A 149 -2.46 4.11 3.57
N ALA A 150 -1.31 4.70 3.85
CA ALA A 150 -0.55 5.40 2.82
C ALA A 150 0.81 4.74 2.72
N ILE A 151 1.31 4.61 1.50
CA ILE A 151 2.64 4.05 1.25
C ILE A 151 3.34 5.12 0.46
N TYR A 152 4.50 5.56 0.96
CA TYR A 152 5.24 6.68 0.35
C TYR A 152 6.75 6.42 0.30
N PRO A 153 7.44 6.91 -0.72
CA PRO A 153 8.90 6.74 -0.74
C PRO A 153 9.55 7.27 0.53
N ALA A 154 10.43 6.49 1.11
CA ALA A 154 11.16 6.82 2.34
C ALA A 154 11.83 8.19 2.29
N ASP A 155 12.11 8.68 1.09
CA ASP A 155 12.83 9.92 0.96
C ASP A 155 11.96 11.09 0.49
N ALA A 156 10.64 10.88 0.53
CA ALA A 156 9.69 11.89 0.09
C ALA A 156 9.66 13.11 1.00
N GLY A 157 9.71 12.82 2.30
CA GLY A 157 9.72 13.85 3.31
C GLY A 157 8.41 14.60 3.23
N HIS A 158 8.24 15.62 4.05
CA HIS A 158 7.01 16.39 4.00
C HIS A 158 7.24 17.91 4.01
N ASP A 159 6.66 18.60 3.04
CA ASP A 159 6.68 20.06 2.99
C ASP A 159 5.27 20.57 3.40
N TYR A 160 5.14 20.99 4.67
CA TYR A 160 3.88 21.51 5.25
C TYR A 160 3.72 23.03 5.17
N GLY A 161 4.84 23.74 5.04
CA GLY A 161 4.88 25.20 5.10
C GLY A 161 4.05 25.99 4.12
N THR A 162 4.16 25.65 2.83
CA THR A 162 3.42 26.29 1.77
C THR A 162 1.88 26.17 1.92
N ILE A 163 1.42 25.02 2.39
CA ILE A 163 0.00 24.79 2.66
C ILE A 163 -0.42 25.51 3.95
N ALA A 164 0.45 25.49 4.95
CA ALA A 164 0.18 26.12 6.25
C ALA A 164 -0.16 27.60 6.09
N GLU A 165 0.53 28.24 5.16
CA GLU A 165 0.35 29.67 4.91
C GLU A 165 -0.87 30.03 4.05
N LYS A 166 -0.99 29.39 2.87
CA LYS A 166 -2.05 29.67 1.89
C LYS A 166 -3.23 28.70 1.92
N GLY A 167 -2.96 27.49 2.39
CA GLY A 167 -4.00 26.50 2.41
C GLY A 167 -4.14 25.95 1.00
N PHE A 168 -5.29 25.35 0.74
CA PHE A 168 -5.55 24.79 -0.56
C PHE A 168 -6.45 25.75 -1.29
N SER A 169 -6.35 25.80 -2.61
CA SER A 169 -7.20 26.69 -3.38
C SER A 169 -8.70 26.39 -3.18
N LYS A 170 -9.01 25.19 -2.67
CA LYS A 170 -10.40 24.82 -2.42
C LYS A 170 -10.61 24.41 -0.98
N ILE A 171 -11.87 24.36 -0.56
CA ILE A 171 -12.23 23.91 0.77
C ILE A 171 -13.43 22.98 0.62
N VAL A 172 -13.66 22.12 1.61
CA VAL A 172 -14.72 21.13 1.54
C VAL A 172 -15.65 21.36 2.72
N ILE A 173 -16.90 21.64 2.42
CA ILE A 173 -17.85 22.06 3.44
C ILE A 173 -19.19 21.39 3.29
N GLU A 174 -20.00 21.49 4.34
CA GLU A 174 -21.41 21.11 4.28
C GLU A 174 -22.27 22.37 4.01
N GLU A 175 -23.00 22.38 2.91
CA GLU A 175 -23.87 23.49 2.54
C GLU A 175 -25.20 22.86 2.16
N ASN A 176 -26.28 23.26 2.83
CA ASN A 176 -27.62 22.71 2.57
C ASN A 176 -27.62 21.18 2.59
N GLY A 177 -26.99 20.59 3.62
CA GLY A 177 -26.96 19.14 3.75
C GLY A 177 -26.00 18.41 2.83
N GLU A 178 -25.51 19.07 1.78
CA GLU A 178 -24.65 18.43 0.81
C GLU A 178 -23.18 18.81 0.94
N VAL A 179 -22.31 17.84 0.68
CA VAL A 179 -20.90 18.09 0.71
C VAL A 179 -20.60 18.86 -0.54
N LYS A 180 -19.87 19.96 -0.42
CA LYS A 180 -19.51 20.75 -1.60
C LYS A 180 -18.04 21.15 -1.52
N VAL A 181 -17.41 21.16 -2.67
CA VAL A 181 -16.02 21.56 -2.79
C VAL A 181 -16.07 22.93 -3.44
N VAL A 182 -15.61 23.94 -2.73
CA VAL A 182 -15.76 25.31 -3.21
C VAL A 182 -14.48 26.08 -3.09
N ASP A 183 -14.45 27.24 -3.72
CA ASP A 183 -13.31 28.11 -3.65
C ASP A 183 -13.05 28.46 -2.20
N ASN A 184 -11.78 28.48 -1.84
CA ASN A 184 -11.30 28.92 -0.55
C ASN A 184 -11.26 30.46 -0.64
N PRO A 185 -12.01 31.17 0.20
CA PRO A 185 -11.96 32.64 0.18
C PRO A 185 -10.60 33.17 0.63
N ARG A 186 -9.87 32.41 1.44
CA ARG A 186 -8.56 32.85 1.89
C ARG A 186 -7.49 32.83 0.79
N TRP A 187 -7.80 32.23 -0.35
CA TRP A 187 -6.77 31.99 -1.37
C TRP A 187 -6.63 33.10 -2.42
N MET B 1 3.44 19.58 -17.49
CA MET B 1 2.22 18.75 -17.36
C MET B 1 2.38 17.76 -16.20
N TYR B 2 1.53 17.93 -15.20
CA TYR B 2 1.47 17.00 -14.08
C TYR B 2 0.56 15.87 -14.47
N LYS B 3 0.76 14.69 -13.88
CA LYS B 3 -0.14 13.57 -14.13
C LYS B 3 -1.45 13.74 -13.32
N GLU B 4 -2.53 13.19 -13.81
CA GLU B 4 -3.83 13.23 -13.14
C GLU B 4 -3.90 12.27 -11.98
N PRO B 5 -4.22 12.76 -10.79
CA PRO B 5 -4.49 11.88 -9.67
C PRO B 5 -5.73 11.09 -10.00
N PHE B 6 -5.84 9.88 -9.50
CA PHE B 6 -7.05 9.12 -9.73
C PHE B 6 -7.25 8.14 -8.60
N GLY B 7 -8.50 7.70 -8.46
CA GLY B 7 -8.83 6.66 -7.52
C GLY B 7 -9.38 5.48 -8.28
N VAL B 8 -9.10 4.27 -7.80
CA VAL B 8 -9.66 3.05 -8.40
C VAL B 8 -10.18 2.18 -7.27
N LYS B 9 -11.17 1.38 -7.57
CA LYS B 9 -11.72 0.53 -6.55
C LYS B 9 -11.02 -0.80 -6.59
N VAL B 10 -10.55 -1.23 -5.43
CA VAL B 10 -9.98 -2.55 -5.29
C VAL B 10 -10.98 -3.34 -4.48
N ASP B 11 -11.40 -4.48 -4.99
CA ASP B 11 -12.30 -5.38 -4.28
C ASP B 11 -11.48 -6.36 -3.43
N PHE B 12 -11.58 -6.21 -2.11
CA PHE B 12 -10.86 -7.01 -1.11
C PHE B 12 -11.28 -8.48 -1.06
N GLU B 13 -12.44 -8.80 -1.62
CA GLU B 13 -12.91 -10.18 -1.63
C GLU B 13 -12.47 -10.95 -2.87
N THR B 14 -12.25 -10.23 -3.96
CA THR B 14 -11.85 -10.87 -5.20
C THR B 14 -10.46 -10.48 -5.72
N GLY B 15 -9.87 -9.47 -5.12
CA GLY B 15 -8.61 -8.93 -5.54
C GLY B 15 -8.67 -8.17 -6.86
N ILE B 16 -9.82 -8.14 -7.52
CA ILE B 16 -9.89 -7.47 -8.78
C ILE B 16 -9.76 -5.94 -8.66
N ILE B 17 -8.93 -5.33 -9.49
CA ILE B 17 -8.96 -3.88 -9.59
C ILE B 17 -9.66 -3.52 -10.90
N GLU B 18 -10.70 -2.71 -10.80
CA GLU B 18 -11.48 -2.21 -11.91
C GLU B 18 -10.61 -1.56 -12.95
N GLY B 19 -10.53 -2.16 -14.13
CA GLY B 19 -9.78 -1.61 -15.26
C GLY B 19 -8.26 -1.73 -15.21
N ALA B 20 -7.73 -2.57 -14.32
CA ALA B 20 -6.27 -2.76 -14.25
C ALA B 20 -5.78 -3.70 -15.35
N LYS B 21 -4.48 -3.67 -15.59
CA LYS B 21 -3.86 -4.59 -16.52
C LYS B 21 -3.86 -5.95 -15.80
N LYS B 22 -4.47 -6.98 -16.41
CA LYS B 22 -4.54 -8.33 -15.86
C LYS B 22 -3.52 -9.34 -16.45
N SER B 23 -2.83 -10.07 -15.58
CA SER B 23 -1.88 -11.10 -16.00
C SER B 23 -2.24 -12.44 -15.38
N VAL B 24 -2.12 -13.48 -16.18
CA VAL B 24 -2.43 -14.83 -15.71
C VAL B 24 -1.21 -15.75 -15.83
N ARG B 25 -0.87 -16.41 -14.72
CA ARG B 25 0.17 -17.42 -14.74
C ARG B 25 -0.45 -18.77 -14.54
N ARG B 26 -0.42 -19.61 -15.56
CA ARG B 26 -0.83 -20.99 -15.40
C ARG B 26 0.43 -21.74 -15.01
N LEU B 27 0.25 -22.97 -14.54
CA LEU B 27 1.35 -23.83 -14.15
C LEU B 27 2.34 -24.11 -15.31
N SER B 28 1.84 -24.18 -16.54
CA SER B 28 2.74 -24.38 -17.68
C SER B 28 3.71 -23.23 -17.85
N ASP B 29 3.35 -22.06 -17.32
CA ASP B 29 4.23 -20.91 -17.43
C ASP B 29 5.31 -20.98 -16.36
N MET B 30 5.33 -22.05 -15.55
CA MET B 30 6.31 -22.15 -14.44
C MET B 30 7.17 -23.42 -14.41
N GLU B 31 7.67 -23.80 -15.58
CA GLU B 31 8.59 -24.93 -15.69
C GLU B 31 9.94 -24.59 -15.04
N GLY B 32 10.48 -25.52 -14.27
CA GLY B 32 11.77 -25.31 -13.64
C GLY B 32 11.69 -24.69 -12.26
N TYR B 33 10.47 -24.41 -11.82
CA TYR B 33 10.22 -23.74 -10.56
C TYR B 33 9.97 -24.65 -9.38
N PHE B 34 9.27 -25.76 -9.63
CA PHE B 34 8.93 -26.68 -8.56
C PHE B 34 9.95 -27.85 -8.50
N VAL B 35 10.26 -28.25 -7.26
CA VAL B 35 11.19 -29.35 -7.01
C VAL B 35 10.78 -30.62 -7.71
N ASP B 36 9.48 -30.93 -7.67
CA ASP B 36 9.00 -32.18 -8.22
C ASP B 36 8.57 -32.00 -9.66
N GLU B 37 9.53 -32.13 -10.57
CA GLU B 37 9.34 -31.91 -12.01
C GLU B 37 8.28 -32.83 -12.59
N ARG B 38 8.12 -34.00 -11.98
CA ARG B 38 7.16 -34.98 -12.47
C ARG B 38 5.76 -34.60 -12.06
N ALA B 39 5.59 -34.20 -10.80
CA ALA B 39 4.31 -33.69 -10.39
C ALA B 39 3.96 -32.43 -11.20
N TRP B 40 4.94 -31.58 -11.50
CA TRP B 40 4.67 -30.39 -12.31
C TRP B 40 4.12 -30.87 -13.64
N LYS B 41 4.86 -31.76 -14.29
CA LYS B 41 4.47 -32.27 -15.58
C LYS B 41 3.05 -32.84 -15.58
N GLU B 42 2.71 -33.61 -14.58
CA GLU B 42 1.44 -34.30 -14.57
C GLU B 42 0.24 -33.38 -14.31
N LEU B 43 0.45 -32.40 -13.45
CA LEU B 43 -0.62 -31.47 -13.13
C LEU B 43 -0.89 -30.57 -14.34
N VAL B 44 0.15 -30.28 -15.12
CA VAL B 44 -0.06 -29.50 -16.33
C VAL B 44 -0.91 -30.24 -17.38
N GLU B 45 -0.64 -31.53 -17.56
CA GLU B 45 -1.37 -32.34 -18.56
C GLU B 45 -2.83 -32.52 -18.19
N LYS B 46 -3.06 -32.80 -16.91
CA LYS B 46 -4.35 -33.07 -16.32
C LYS B 46 -5.28 -31.87 -16.23
N GLU B 47 -4.69 -30.67 -16.14
CA GLU B 47 -5.47 -29.49 -15.76
C GLU B 47 -4.88 -28.10 -16.05
N ASP B 48 -3.56 -28.01 -16.16
CA ASP B 48 -2.85 -26.72 -16.26
C ASP B 48 -3.49 -25.55 -15.50
N PRO B 49 -3.67 -25.67 -14.18
CA PRO B 49 -4.37 -24.64 -13.43
C PRO B 49 -3.70 -23.29 -13.49
N VAL B 50 -4.52 -22.26 -13.30
CA VAL B 50 -4.03 -20.92 -13.10
C VAL B 50 -3.37 -20.92 -11.71
N VAL B 51 -2.15 -20.47 -11.64
CA VAL B 51 -1.46 -20.44 -10.36
C VAL B 51 -1.79 -19.10 -9.68
N TYR B 52 -1.67 -18.01 -10.43
CA TYR B 52 -2.03 -16.68 -9.96
C TYR B 52 -2.38 -15.72 -11.08
N GLU B 53 -3.10 -14.69 -10.70
CA GLU B 53 -3.46 -13.60 -11.57
C GLU B 53 -3.03 -12.34 -10.84
N VAL B 54 -2.56 -11.38 -11.64
CA VAL B 54 -2.12 -10.08 -11.15
C VAL B 54 -2.90 -8.94 -11.83
N TYR B 55 -3.38 -8.00 -11.04
CA TYR B 55 -4.03 -6.80 -11.52
C TYR B 55 -3.15 -5.60 -11.23
N ALA B 56 -2.54 -5.06 -12.27
CA ALA B 56 -1.51 -4.06 -12.05
C ALA B 56 -1.89 -2.65 -12.53
N VAL B 57 -1.49 -1.66 -11.75
CA VAL B 57 -1.67 -0.26 -12.10
C VAL B 57 -0.24 0.29 -12.09
N GLU B 58 0.34 0.41 -13.27
CA GLU B 58 1.75 0.77 -13.35
C GLU B 58 2.00 2.13 -14.00
N GLN B 59 3.08 2.78 -13.58
CA GLN B 59 3.47 4.08 -14.08
C GLN B 59 4.76 3.88 -14.89
N GLU B 60 5.22 4.93 -15.54
CA GLU B 60 6.48 4.80 -16.25
C GLU B 60 7.59 4.56 -15.24
N GLU B 61 8.69 3.95 -15.67
CA GLU B 61 9.82 3.66 -14.77
C GLU B 61 10.67 4.88 -14.44
N LYS B 62 10.16 5.73 -13.57
CA LYS B 62 10.88 6.88 -13.13
C LYS B 62 11.18 6.74 -11.67
N GLU B 63 12.27 7.35 -11.22
CA GLU B 63 12.57 7.37 -9.80
C GLU B 63 11.52 8.08 -8.96
N GLY B 64 11.21 7.52 -7.80
CA GLY B 64 10.22 8.11 -6.92
C GLY B 64 8.75 7.84 -7.24
N ASP B 65 8.45 7.24 -8.38
CA ASP B 65 7.03 7.03 -8.70
C ASP B 65 6.64 5.67 -8.15
N LEU B 66 5.36 5.33 -8.21
CA LEU B 66 4.97 4.05 -7.60
C LEU B 66 3.94 3.33 -8.41
N ASN B 67 4.09 2.01 -8.38
CA ASN B 67 3.16 1.08 -8.97
C ASN B 67 2.45 0.32 -7.85
N PHE B 68 1.33 -0.29 -8.19
CA PHE B 68 0.62 -1.13 -7.23
C PHE B 68 -0.13 -2.18 -7.99
N ALA B 69 -0.25 -3.34 -7.36
CA ALA B 69 -0.84 -4.49 -8.01
C ALA B 69 -1.43 -5.37 -6.95
N THR B 70 -2.61 -5.92 -7.26
CA THR B 70 -3.05 -7.09 -6.49
C THR B 70 -2.67 -8.41 -7.18
N THR B 71 -2.52 -9.45 -6.37
CA THR B 71 -2.28 -10.78 -6.83
C THR B 71 -3.33 -11.65 -6.15
N VAL B 72 -3.89 -12.53 -6.94
CA VAL B 72 -4.77 -13.60 -6.46
C VAL B 72 -3.97 -14.86 -6.72
N LEU B 73 -3.40 -15.41 -5.66
CA LEU B 73 -2.57 -16.58 -5.74
C LEU B 73 -3.46 -17.76 -5.37
N TYR B 74 -3.76 -18.62 -6.34
CA TYR B 74 -4.68 -19.73 -6.10
C TYR B 74 -4.15 -20.86 -5.23
N PRO B 75 -5.04 -21.55 -4.56
CA PRO B 75 -4.61 -22.65 -3.70
C PRO B 75 -4.19 -23.88 -4.51
N GLY B 76 -3.17 -24.58 -4.03
CA GLY B 76 -2.68 -25.77 -4.70
C GLY B 76 -1.31 -26.26 -4.26
N LYS B 77 -0.92 -27.42 -4.77
CA LYS B 77 0.38 -28.03 -4.52
C LYS B 77 0.99 -28.62 -5.78
N VAL B 78 2.32 -28.63 -5.85
CA VAL B 78 2.98 -29.33 -6.93
C VAL B 78 3.78 -30.34 -6.14
N GLY B 79 3.35 -31.60 -6.21
CA GLY B 79 3.93 -32.63 -5.36
C GLY B 79 3.53 -32.17 -3.97
N LYS B 80 4.53 -31.98 -3.11
CA LYS B 80 4.31 -31.47 -1.76
C LYS B 80 4.45 -29.95 -1.67
N GLU B 81 4.99 -29.29 -2.70
CA GLU B 81 5.17 -27.83 -2.66
C GLU B 81 3.92 -26.97 -2.92
N PHE B 82 3.61 -26.05 -2.01
CA PHE B 82 2.50 -25.10 -2.20
C PHE B 82 2.72 -24.18 -3.38
N PHE B 83 1.62 -23.86 -4.07
CA PHE B 83 1.59 -22.88 -5.15
C PHE B 83 2.23 -21.57 -4.70
N PHE B 84 2.98 -20.95 -5.59
CA PHE B 84 3.68 -19.74 -5.21
C PHE B 84 3.91 -18.88 -6.44
N THR B 85 4.37 -17.67 -6.24
CA THR B 85 4.66 -16.78 -7.37
C THR B 85 6.08 -17.10 -7.79
N LYS B 86 6.40 -16.82 -9.05
CA LYS B 86 7.73 -17.11 -9.53
C LYS B 86 8.79 -16.56 -8.54
N GLY B 87 8.59 -15.32 -8.09
CA GLY B 87 9.56 -14.69 -7.19
C GLY B 87 10.60 -13.90 -7.98
N HIS B 88 11.14 -12.85 -7.39
CA HIS B 88 12.18 -12.05 -8.10
C HIS B 88 12.99 -11.19 -7.15
N PHE B 89 14.18 -10.79 -7.62
CA PHE B 89 14.90 -9.70 -6.99
C PHE B 89 14.44 -8.53 -7.86
N HIS B 90 14.76 -7.32 -7.46
CA HIS B 90 14.44 -6.18 -8.28
C HIS B 90 15.65 -5.92 -9.15
N ALA B 91 15.40 -5.42 -10.36
CA ALA B 91 16.46 -4.97 -11.27
C ALA B 91 17.28 -3.91 -10.57
N LYS B 92 16.62 -2.90 -10.00
CA LYS B 92 17.32 -1.97 -9.14
C LYS B 92 17.23 -2.60 -7.76
N LEU B 93 18.29 -3.32 -7.42
CA LEU B 93 18.36 -4.12 -6.22
C LEU B 93 17.88 -3.52 -4.92
N ASP B 94 18.18 -2.24 -4.69
CA ASP B 94 17.89 -1.63 -3.39
C ASP B 94 16.47 -1.07 -3.23
N ARG B 95 15.59 -1.41 -4.15
CA ARG B 95 14.22 -0.96 -4.08
C ARG B 95 13.45 -1.85 -3.07
N ALA B 96 12.69 -1.24 -2.18
CA ALA B 96 11.84 -1.96 -1.20
C ALA B 96 10.48 -2.19 -1.79
N GLU B 97 9.61 -2.92 -1.07
CA GLU B 97 8.22 -3.07 -1.49
C GLU B 97 7.41 -3.24 -0.22
N VAL B 98 6.12 -2.91 -0.31
CA VAL B 98 5.20 -3.09 0.81
C VAL B 98 4.06 -3.92 0.23
N TYR B 99 3.66 -4.93 0.99
CA TYR B 99 2.59 -5.91 0.57
C TYR B 99 1.54 -5.75 1.67
N VAL B 100 0.28 -5.89 1.32
CA VAL B 100 -0.76 -5.84 2.33
C VAL B 100 -1.66 -7.04 2.11
N ALA B 101 -1.70 -7.98 3.05
CA ALA B 101 -2.54 -9.14 2.85
C ALA B 101 -4.00 -8.73 3.03
N LEU B 102 -4.83 -9.19 2.10
CA LEU B 102 -6.24 -8.83 2.01
C LEU B 102 -7.15 -10.02 2.35
N LYS B 103 -6.74 -11.19 1.89
CA LYS B 103 -7.55 -12.42 2.05
C LYS B 103 -6.75 -13.72 1.99
N GLY B 104 -7.25 -14.76 2.66
CA GLY B 104 -6.61 -16.06 2.58
C GLY B 104 -5.44 -16.21 3.52
N LYS B 105 -4.75 -17.32 3.39
CA LYS B 105 -3.58 -17.70 4.20
C LYS B 105 -2.39 -18.04 3.29
N GLY B 106 -1.31 -17.34 3.57
CA GLY B 106 -0.13 -17.46 2.75
C GLY B 106 1.06 -16.97 3.55
N GLY B 107 2.11 -16.62 2.86
CA GLY B 107 3.23 -16.04 3.57
C GLY B 107 4.24 -15.64 2.51
N MET B 108 5.31 -14.99 2.92
CA MET B 108 6.28 -14.60 1.94
C MET B 108 7.61 -15.25 2.24
N LEU B 109 8.22 -15.79 1.19
CA LEU B 109 9.55 -16.35 1.27
C LEU B 109 10.48 -15.25 0.73
N LEU B 110 11.53 -14.91 1.49
CA LEU B 110 12.49 -13.86 1.06
C LEU B 110 13.93 -14.41 1.14
N GLN B 111 14.84 -13.92 0.28
CA GLN B 111 16.24 -14.34 0.42
C GLN B 111 17.17 -13.24 -0.08
N THR B 112 18.35 -13.18 0.52
CA THR B 112 19.32 -12.19 0.08
C THR B 112 20.05 -12.69 -1.16
N PRO B 113 20.88 -11.85 -1.78
CA PRO B 113 21.70 -12.33 -2.89
C PRO B 113 22.57 -13.52 -2.48
N GLU B 114 23.04 -13.57 -1.23
CA GLU B 114 23.86 -14.71 -0.76
C GLU B 114 23.06 -15.98 -0.39
N GLY B 115 21.73 -15.90 -0.51
CA GLY B 115 20.88 -17.08 -0.42
C GLY B 115 20.36 -17.35 0.97
N ASP B 116 20.64 -16.43 1.87
CA ASP B 116 20.08 -16.49 3.20
C ASP B 116 18.55 -16.25 3.14
N ALA B 117 17.75 -17.07 3.84
CA ALA B 117 16.30 -16.99 3.69
C ALA B 117 15.50 -16.59 4.92
N LYS B 118 14.29 -16.09 4.68
CA LYS B 118 13.36 -15.79 5.76
C LYS B 118 11.94 -16.02 5.32
N TRP B 119 11.14 -16.54 6.25
CA TRP B 119 9.74 -16.80 6.04
C TRP B 119 8.90 -15.89 6.91
N ILE B 120 7.92 -15.21 6.30
CA ILE B 120 7.01 -14.32 6.99
C ILE B 120 5.56 -14.70 6.71
N SER B 121 4.86 -15.09 7.78
CA SER B 121 3.47 -15.46 7.62
C SER B 121 2.61 -14.28 7.24
N MET B 122 1.56 -14.54 6.47
CA MET B 122 0.63 -13.48 6.11
C MET B 122 -0.84 -13.91 6.26
N GLU B 123 -1.59 -13.21 7.11
CA GLU B 123 -3.04 -13.39 7.15
C GLU B 123 -3.64 -12.02 6.81
N PRO B 124 -4.95 -11.92 6.57
CA PRO B 124 -5.55 -10.61 6.22
C PRO B 124 -5.18 -9.50 7.21
N GLY B 125 -4.60 -8.41 6.68
CA GLY B 125 -4.22 -7.26 7.49
C GLY B 125 -2.73 -7.24 7.78
N THR B 126 -2.05 -8.35 7.47
CA THR B 126 -0.61 -8.42 7.66
C THR B 126 0.04 -7.48 6.61
N VAL B 127 0.87 -6.56 7.08
CA VAL B 127 1.65 -5.76 6.14
C VAL B 127 3.13 -6.20 6.21
N VAL B 128 3.74 -6.55 5.08
CA VAL B 128 5.11 -7.02 5.08
C VAL B 128 5.97 -5.96 4.45
N TYR B 129 7.07 -5.60 5.13
CA TYR B 129 8.11 -4.74 4.54
C TYR B 129 9.20 -5.62 3.86
N VAL B 130 9.30 -5.51 2.56
CA VAL B 130 10.30 -6.23 1.78
C VAL B 130 11.45 -5.24 1.63
N PRO B 131 12.54 -5.44 2.37
CA PRO B 131 13.62 -4.43 2.35
C PRO B 131 14.38 -4.51 1.04
N PRO B 132 15.17 -3.46 0.79
CA PRO B 132 16.10 -3.50 -0.33
C PRO B 132 16.96 -4.76 -0.28
N TYR B 133 17.32 -5.29 -1.46
CA TYR B 133 18.17 -6.46 -1.70
C TYR B 133 17.50 -7.79 -1.52
N TRP B 134 16.29 -7.81 -1.01
CA TRP B 134 15.65 -9.10 -0.78
C TRP B 134 14.67 -9.53 -1.87
N ALA B 135 14.98 -10.68 -2.47
CA ALA B 135 14.14 -11.35 -3.46
C ALA B 135 12.96 -11.83 -2.65
N HIS B 136 11.82 -12.00 -3.30
CA HIS B 136 10.60 -12.32 -2.55
C HIS B 136 9.64 -13.10 -3.43
N ARG B 137 9.03 -14.11 -2.80
CA ARG B 137 8.08 -14.98 -3.44
C ARG B 137 6.95 -15.12 -2.40
N THR B 138 5.70 -15.10 -2.84
CA THR B 138 4.58 -15.39 -1.93
C THR B 138 4.09 -16.80 -2.15
N VAL B 139 3.51 -17.40 -1.09
CA VAL B 139 3.18 -18.80 -1.13
C VAL B 139 1.75 -18.93 -0.58
N ASN B 140 0.90 -19.74 -1.22
CA ASN B 140 -0.46 -19.99 -0.68
C ASN B 140 -0.49 -21.32 0.12
N ILE B 141 -0.63 -21.23 1.42
CA ILE B 141 -0.55 -22.42 2.23
C ILE B 141 -1.93 -22.82 2.72
N GLY B 142 -2.97 -22.26 2.09
CA GLY B 142 -4.35 -22.58 2.48
C GLY B 142 -5.16 -23.23 1.36
N ASP B 143 -6.47 -23.33 1.53
CA ASP B 143 -7.29 -23.95 0.48
C ASP B 143 -8.21 -22.98 -0.20
N GLU B 144 -7.98 -21.70 0.04
CA GLU B 144 -8.69 -20.65 -0.67
C GLU B 144 -7.65 -19.66 -1.26
N PRO B 145 -8.12 -18.83 -2.19
CA PRO B 145 -7.25 -17.81 -2.78
C PRO B 145 -6.61 -16.90 -1.72
N PHE B 146 -5.33 -16.62 -1.94
CA PHE B 146 -4.56 -15.76 -1.08
C PHE B 146 -4.41 -14.47 -1.93
N ILE B 147 -4.89 -13.37 -1.39
CA ILE B 147 -5.01 -12.11 -2.10
C ILE B 147 -4.28 -11.06 -1.36
N PHE B 148 -3.45 -10.35 -2.10
CA PHE B 148 -2.73 -9.33 -1.42
C PHE B 148 -2.53 -8.13 -2.38
N LEU B 149 -2.09 -7.02 -1.81
CA LEU B 149 -1.87 -5.80 -2.58
C LEU B 149 -0.38 -5.41 -2.44
N ALA B 150 0.30 -5.20 -3.55
CA ALA B 150 1.67 -4.80 -3.35
C ALA B 150 1.88 -3.40 -3.95
N ILE B 151 2.79 -2.62 -3.34
CA ILE B 151 3.06 -1.27 -3.79
C ILE B 151 4.58 -1.26 -3.91
N TYR B 152 5.09 -0.88 -5.05
CA TYR B 152 6.51 -1.05 -5.27
C TYR B 152 7.02 0.12 -6.11
N PRO B 153 8.30 0.48 -5.95
CA PRO B 153 8.83 1.58 -6.75
C PRO B 153 8.64 1.27 -8.22
N ALA B 154 8.18 2.27 -8.98
CA ALA B 154 7.99 2.17 -10.43
C ALA B 154 9.30 1.84 -11.16
N ASP B 155 10.43 2.25 -10.62
CA ASP B 155 11.71 1.91 -11.26
C ASP B 155 12.39 0.63 -10.77
N ALA B 156 11.80 -0.07 -9.80
CA ALA B 156 12.39 -1.30 -9.28
C ALA B 156 12.63 -2.39 -10.32
N GLY B 157 11.69 -2.56 -11.23
CA GLY B 157 11.77 -3.64 -12.20
C GLY B 157 11.71 -5.01 -11.56
N HIS B 158 11.80 -6.03 -12.40
CA HIS B 158 11.71 -7.40 -11.95
C HIS B 158 12.83 -8.23 -12.57
N ASP B 159 13.71 -8.77 -11.72
CA ASP B 159 14.77 -9.67 -12.13
C ASP B 159 14.38 -11.10 -11.76
N TYR B 160 13.89 -11.86 -12.73
CA TYR B 160 13.44 -13.25 -12.54
C TYR B 160 14.52 -14.32 -12.67
N GLY B 161 15.42 -14.13 -13.64
CA GLY B 161 16.46 -15.09 -13.95
C GLY B 161 17.24 -15.79 -12.83
N THR B 162 17.76 -15.03 -11.88
CA THR B 162 18.52 -15.59 -10.76
C THR B 162 17.68 -16.70 -10.12
N ILE B 163 16.45 -16.33 -9.80
CA ILE B 163 15.49 -17.24 -9.18
C ILE B 163 15.06 -18.37 -10.12
N ALA B 164 14.83 -18.05 -11.39
CA ALA B 164 14.40 -19.04 -12.39
C ALA B 164 15.40 -20.22 -12.52
N GLU B 165 16.69 -19.91 -12.41
CA GLU B 165 17.73 -20.93 -12.54
C GLU B 165 17.90 -21.82 -11.30
N LYS B 166 18.07 -21.20 -10.14
CA LYS B 166 18.46 -21.94 -8.94
C LYS B 166 17.44 -21.94 -7.81
N GLY B 167 16.34 -21.22 -8.02
CA GLY B 167 15.28 -21.17 -7.03
C GLY B 167 15.65 -20.47 -5.73
N PHE B 168 14.81 -20.70 -4.72
CA PHE B 168 15.09 -20.12 -3.43
C PHE B 168 15.82 -21.18 -2.62
N SER B 169 16.61 -20.75 -1.66
CA SER B 169 17.35 -21.71 -0.87
C SER B 169 16.42 -22.52 0.03
N LYS B 170 15.17 -22.10 0.17
CA LYS B 170 14.18 -22.85 0.97
C LYS B 170 12.91 -23.13 0.14
N ILE B 171 12.21 -24.21 0.49
CA ILE B 171 10.93 -24.52 -0.15
C ILE B 171 9.87 -24.67 0.94
N VAL B 172 8.61 -24.57 0.56
CA VAL B 172 7.52 -24.54 1.53
C VAL B 172 6.60 -25.67 1.15
N ILE B 173 6.51 -26.66 2.05
CA ILE B 173 5.83 -27.90 1.72
C ILE B 173 4.80 -28.25 2.76
N GLU B 174 3.96 -29.21 2.39
CA GLU B 174 3.02 -29.79 3.31
C GLU B 174 3.55 -31.20 3.66
N GLU B 175 3.75 -31.46 4.94
CA GLU B 175 4.26 -32.76 5.34
C GLU B 175 3.43 -33.17 6.54
N ASN B 176 2.69 -34.26 6.40
CA ASN B 176 1.86 -34.78 7.49
C ASN B 176 0.85 -33.73 7.96
N GLY B 177 0.17 -33.12 6.99
CA GLY B 177 -0.82 -32.08 7.26
C GLY B 177 -0.25 -30.77 7.76
N GLU B 178 1.08 -30.64 7.77
CA GLU B 178 1.68 -29.45 8.34
C GLU B 178 2.55 -28.72 7.36
N VAL B 179 2.50 -27.39 7.42
CA VAL B 179 3.25 -26.56 6.53
C VAL B 179 4.67 -26.49 7.05
N LYS B 180 5.64 -26.78 6.20
CA LYS B 180 7.02 -26.73 6.64
C LYS B 180 7.89 -25.96 5.66
N VAL B 181 8.83 -25.22 6.22
CA VAL B 181 9.79 -24.49 5.43
C VAL B 181 11.10 -25.23 5.55
N VAL B 182 11.63 -25.73 4.45
CA VAL B 182 12.81 -26.56 4.54
C VAL B 182 13.76 -26.23 3.43
N ASP B 183 14.98 -26.72 3.58
CA ASP B 183 16.02 -26.49 2.62
C ASP B 183 15.56 -27.00 1.27
N ASN B 184 15.89 -26.25 0.24
CA ASN B 184 15.64 -26.69 -1.11
C ASN B 184 16.82 -27.57 -1.45
N PRO B 185 16.55 -28.83 -1.72
CA PRO B 185 17.59 -29.78 -2.12
C PRO B 185 18.21 -29.43 -3.48
N ARG B 186 17.44 -28.88 -4.44
CA ARG B 186 18.06 -28.53 -5.73
C ARG B 186 18.72 -27.15 -5.76
N TRP B 187 19.00 -26.56 -4.59
CA TRP B 187 19.61 -25.22 -4.54
C TRP B 187 21.11 -25.31 -4.26
C1 6PG C . 2.59 10.72 4.16
C2 6PG C . 1.16 10.43 3.85
C3 6PG C . 0.31 10.24 5.12
C4 6PG C . 0.07 11.58 5.83
C5 6PG C . -0.92 11.49 7.02
C6 6PG C . -0.97 12.75 7.87
O1A 6PG C . 3.26 11.41 3.38
O1 6PG C . 3.13 10.27 5.29
O2 6PG C . 0.65 11.56 3.20
O3 6PG C . 0.95 9.22 5.89
O4 6PG C . 1.26 12.18 6.31
O5 6PG C . -2.19 11.16 6.52
O6 6PG C . -1.39 13.90 7.14
P 6PG C . -0.48 15.12 7.14
O1P 6PG C . 0.93 14.66 6.95
O2P 6PG C . -0.55 15.85 8.44
O3P 6PG C . -0.89 16.07 6.06
NI NI D . 2.28 12.44 1.65
C1 6PG E . 6.04 -6.64 -7.71
C2 6PG E . 5.41 -7.37 -6.54
C3 6PG E . 4.12 -8.14 -6.92
C4 6PG E . 4.45 -9.43 -7.71
C5 6PG E . 3.27 -10.38 -7.99
C6 6PG E . 3.63 -11.62 -8.83
O1A 6PG E . 7.22 -6.35 -7.65
O1 6PG E . 5.34 -6.32 -8.81
O2 6PG E . 6.41 -8.24 -6.01
O3 6PG E . 3.25 -7.28 -7.64
O4 6PG E . 5.13 -9.14 -8.93
O5 6PG E . 2.79 -10.83 -6.75
O6 6PG E . 4.83 -12.27 -8.40
P 6PG E . 5.98 -12.43 -9.40
O1P 6PG E . 6.33 -11.09 -9.97
O2P 6PG E . 5.59 -13.34 -10.54
O3P 6PG E . 7.16 -13.09 -8.76
NI NI F . 8.57 -7.18 -6.21
#